data_8WZ7
#
_entry.id   8WZ7
#
_cell.length_a   130.657
_cell.length_b   130.657
_cell.length_c   113.834
_cell.angle_alpha   90.000
_cell.angle_beta   90.000
_cell.angle_gamma   120.000
#
_symmetry.space_group_name_H-M   'P 62 2 2'
#
loop_
_entity.id
_entity.type
_entity.pdbx_description
1 polymer Adenosylhomocysteinase
2 non-polymer NICOTINAMIDE-ADENINE-DINUCLEOTIDE
3 non-polymer ADENOSINE
4 water water
#
_entity_poly.entity_id   1
_entity_poly.type   'polypeptide(L)'
_entity_poly.pdbx_seq_one_letter_code
;MGHHHHHHHHQDYKVAEISLADWGRKEIAIAETEMPGLMALREEFSAKKPLQGARIAGCLHMTIQTAVLIETLVALGAEV
RWSSCNIFSTQDHAASAIAAKGIPVFAWKGETEEEYWWCVEQTLSGPNGWTPNLLLDDGGDLTQVVHQKHPKLLTAIKGV
SEETTTGVARLYEMAKHGQLKIPAINVNNAVTKSKFDNLYGCRESLLDGLKRATDVMIAGKVALILGYGDVGKGCAQALR
GQGATVLVAEADPICALQAAMEGYRVVTLDDVAEQVDIVVTAAGNYHVVTHDHMKRMRNQAILCNIGHFDSEIDIQSLKQ
YQWENIKPQVDHVIFPDGKRIIILAEGRLVNLGCATGHPSFVMSASFTNQVLAQIELFQNSSQYQNQVYVLPKVLDEKVA
RLHLGRIGAKLTQLSNEQADYIGVDKNGPYKPDHYRY
;
_entity_poly.pdbx_strand_id   A
#
# COMPACT_ATOMS: atom_id res chain seq x y z
N GLN A 11 13.24 -23.65 -12.43
CA GLN A 11 11.95 -23.02 -12.19
C GLN A 11 11.90 -22.43 -10.77
N ASP A 12 12.77 -21.44 -10.52
CA ASP A 12 12.84 -20.78 -9.22
C ASP A 12 11.83 -19.63 -9.15
N TYR A 13 10.55 -20.00 -9.30
CA TYR A 13 9.44 -19.06 -9.25
C TYR A 13 8.15 -19.86 -9.15
N LYS A 14 7.05 -19.16 -8.88
CA LYS A 14 5.74 -19.80 -8.87
C LYS A 14 4.68 -18.75 -9.18
N VAL A 15 4.08 -18.82 -10.37
CA VAL A 15 3.07 -17.86 -10.83
C VAL A 15 1.91 -18.65 -11.43
N ALA A 16 0.81 -17.94 -11.70
CA ALA A 16 -0.38 -18.62 -12.22
C ALA A 16 -0.20 -19.10 -13.65
N GLU A 17 0.31 -18.25 -14.54
CA GLU A 17 0.35 -18.60 -15.96
C GLU A 17 1.51 -17.86 -16.62
N ILE A 18 2.60 -18.58 -16.90
CA ILE A 18 3.80 -17.91 -17.42
C ILE A 18 3.56 -17.25 -18.78
N SER A 19 2.58 -17.72 -19.55
CA SER A 19 2.40 -17.18 -20.89
C SER A 19 1.84 -15.76 -20.89
N LEU A 20 1.37 -15.26 -19.74
CA LEU A 20 0.95 -13.87 -19.62
C LEU A 20 2.13 -12.90 -19.59
N ALA A 21 3.36 -13.39 -19.72
CA ALA A 21 4.54 -12.54 -19.58
C ALA A 21 4.55 -11.40 -20.59
N ASP A 22 4.27 -11.70 -21.86
CA ASP A 22 4.40 -10.65 -22.87
C ASP A 22 3.37 -9.55 -22.65
N TRP A 23 2.15 -9.91 -22.24
CA TRP A 23 1.18 -8.88 -21.87
C TRP A 23 1.68 -8.07 -20.67
N GLY A 24 2.26 -8.74 -19.67
CA GLY A 24 2.81 -7.99 -18.55
C GLY A 24 3.91 -7.04 -18.98
N ARG A 25 4.80 -7.51 -19.87
CA ARG A 25 5.89 -6.68 -20.37
C ARG A 25 5.37 -5.43 -21.07
N LYS A 26 4.29 -5.56 -21.86
CA LYS A 26 3.78 -4.40 -22.58
C LYS A 26 3.26 -3.35 -21.62
N GLU A 27 2.57 -3.77 -20.56
CA GLU A 27 2.05 -2.81 -19.59
C GLU A 27 3.15 -2.25 -18.69
N ILE A 28 4.19 -3.03 -18.43
CA ILE A 28 5.34 -2.49 -17.71
C ILE A 28 6.02 -1.40 -18.54
N ALA A 29 6.11 -1.60 -19.85
CA ALA A 29 6.70 -0.60 -20.71
C ALA A 29 5.93 0.71 -20.65
N ILE A 30 4.59 0.63 -20.68
CA ILE A 30 3.75 1.82 -20.49
C ILE A 30 4.00 2.42 -19.11
N ALA A 31 4.02 1.58 -18.08
CA ALA A 31 4.13 2.11 -16.72
C ALA A 31 5.44 2.85 -16.50
N GLU A 32 6.52 2.41 -17.15
CA GLU A 32 7.79 3.11 -17.04
C GLU A 32 7.65 4.58 -17.39
N THR A 33 6.85 4.89 -18.42
CA THR A 33 6.66 6.29 -18.80
C THR A 33 5.78 7.03 -17.82
N GLU A 34 5.11 6.33 -16.91
CA GLU A 34 4.31 6.94 -15.85
C GLU A 34 5.05 7.02 -14.53
N MET A 35 6.28 6.53 -14.48
CA MET A 35 7.00 6.37 -13.22
C MET A 35 8.37 7.05 -13.32
N PRO A 36 8.39 8.37 -13.48
CA PRO A 36 9.67 9.05 -13.74
C PRO A 36 10.63 9.01 -12.56
N GLY A 37 10.13 8.88 -11.32
CA GLY A 37 11.03 8.78 -10.19
C GLY A 37 11.88 7.54 -10.26
N LEU A 38 11.26 6.39 -10.55
CA LEU A 38 12.02 5.15 -10.68
C LEU A 38 12.98 5.21 -11.86
N MET A 39 12.49 5.68 -13.01
CA MET A 39 13.36 5.76 -14.18
C MET A 39 14.51 6.75 -13.96
N ALA A 40 14.28 7.81 -13.17
CA ALA A 40 15.36 8.74 -12.86
C ALA A 40 16.42 8.09 -11.98
N LEU A 41 16.00 7.25 -11.02
CA LEU A 41 16.97 6.54 -10.20
C LEU A 41 17.80 5.57 -11.03
N ARG A 42 17.19 4.94 -12.04
CA ARG A 42 17.94 4.07 -12.93
C ARG A 42 18.99 4.87 -13.69
N GLU A 43 18.59 6.02 -14.23
CA GLU A 43 19.54 6.86 -14.97
C GLU A 43 20.67 7.33 -14.05
N GLU A 44 20.33 7.72 -12.81
CA GLU A 44 21.35 8.25 -11.91
C GLU A 44 22.29 7.17 -11.40
N PHE A 45 21.80 5.94 -11.18
CA PHE A 45 22.54 4.97 -10.39
C PHE A 45 22.84 3.66 -11.10
N SER A 46 22.33 3.41 -12.31
CA SER A 46 22.52 2.09 -12.90
C SER A 46 23.98 1.78 -13.20
N ALA A 47 24.80 2.80 -13.48
CA ALA A 47 26.21 2.55 -13.75
C ALA A 47 27.00 2.28 -12.48
N LYS A 48 26.75 3.06 -11.41
CA LYS A 48 27.50 2.88 -10.18
C LYS A 48 27.06 1.66 -9.38
N LYS A 49 25.85 1.16 -9.63
CA LYS A 49 25.30 -0.01 -8.95
C LYS A 49 25.43 0.08 -7.43
N PRO A 50 24.75 1.02 -6.78
CA PRO A 50 24.87 1.12 -5.31
C PRO A 50 24.30 -0.07 -4.56
N LEU A 51 23.49 -0.90 -5.22
CA LEU A 51 22.90 -2.06 -4.56
C LEU A 51 23.62 -3.36 -4.92
N GLN A 52 24.78 -3.28 -5.57
CA GLN A 52 25.57 -4.48 -5.81
C GLN A 52 25.94 -5.12 -4.47
N GLY A 53 25.59 -6.40 -4.32
CA GLY A 53 25.74 -7.08 -3.05
C GLY A 53 24.50 -7.08 -2.19
N ALA A 54 23.44 -6.36 -2.59
CA ALA A 54 22.19 -6.38 -1.85
C ALA A 54 21.36 -7.59 -2.26
N ARG A 55 20.79 -8.25 -1.27
CA ARG A 55 19.95 -9.44 -1.47
C ARG A 55 18.62 -9.15 -0.76
N ILE A 56 17.59 -8.79 -1.53
CA ILE A 56 16.36 -8.21 -0.98
C ILE A 56 15.24 -9.24 -1.04
N ALA A 57 14.70 -9.61 0.12
CA ALA A 57 13.43 -10.32 0.18
C ALA A 57 12.32 -9.30 0.24
N GLY A 58 11.41 -9.34 -0.73
CA GLY A 58 10.33 -8.37 -0.84
C GLY A 58 8.97 -9.01 -0.60
N CYS A 59 8.13 -8.33 0.18
CA CYS A 59 6.75 -8.78 0.40
C CYS A 59 5.85 -7.56 0.16
N LEU A 60 5.32 -7.46 -1.06
CA LEU A 60 4.61 -6.27 -1.49
C LEU A 60 3.82 -6.60 -2.75
N HIS A 61 2.54 -6.21 -2.78
CA HIS A 61 1.60 -6.47 -3.87
C HIS A 61 2.27 -6.59 -5.22
N MET A 62 2.18 -7.77 -5.84
CA MET A 62 2.90 -8.05 -7.09
C MET A 62 2.10 -7.52 -8.27
N THR A 63 2.15 -6.20 -8.43
CA THR A 63 1.46 -5.48 -9.49
C THR A 63 2.42 -5.07 -10.60
N ILE A 64 1.84 -4.52 -11.67
CA ILE A 64 2.64 -3.90 -12.72
C ILE A 64 3.57 -2.84 -12.13
N GLN A 65 3.08 -2.06 -11.18
CA GLN A 65 3.91 -1.02 -10.58
C GLN A 65 5.06 -1.62 -9.79
N THR A 66 4.78 -2.65 -9.02
CA THR A 66 5.85 -3.31 -8.27
C THR A 66 6.86 -3.95 -9.21
N ALA A 67 6.42 -4.42 -10.37
CA ALA A 67 7.37 -4.89 -11.38
C ALA A 67 8.38 -3.81 -11.74
N VAL A 68 7.93 -2.56 -11.91
CA VAL A 68 8.89 -1.50 -12.22
C VAL A 68 9.82 -1.26 -11.04
N LEU A 69 9.31 -1.35 -9.81
CA LEU A 69 10.16 -1.24 -8.63
C LEU A 69 11.22 -2.34 -8.62
N ILE A 70 10.79 -3.59 -8.80
CA ILE A 70 11.73 -4.71 -8.81
C ILE A 70 12.83 -4.51 -9.84
N GLU A 71 12.46 -4.13 -11.06
CA GLU A 71 13.48 -3.99 -12.10
C GLU A 71 14.38 -2.78 -11.85
N THR A 72 13.92 -1.80 -11.09
CA THR A 72 14.78 -0.70 -10.68
C THR A 72 15.82 -1.16 -9.67
N LEU A 73 15.38 -1.95 -8.67
CA LEU A 73 16.33 -2.52 -7.71
C LEU A 73 17.37 -3.36 -8.42
N VAL A 74 16.93 -4.22 -9.35
CA VAL A 74 17.85 -5.08 -10.09
C VAL A 74 18.79 -4.24 -10.95
N ALA A 75 18.26 -3.22 -11.62
CA ALA A 75 19.10 -2.34 -12.43
C ALA A 75 20.17 -1.66 -11.59
N LEU A 76 19.91 -1.47 -10.30
CA LEU A 76 20.88 -0.85 -9.41
C LEU A 76 21.81 -1.87 -8.77
N GLY A 77 21.71 -3.14 -9.17
CA GLY A 77 22.64 -4.18 -8.78
C GLY A 77 22.09 -5.22 -7.83
N ALA A 78 20.87 -5.04 -7.33
CA ALA A 78 20.33 -5.95 -6.32
C ALA A 78 19.89 -7.28 -6.93
N GLU A 79 19.98 -8.33 -6.10
CA GLU A 79 19.26 -9.58 -6.32
C GLU A 79 18.06 -9.59 -5.39
N VAL A 80 16.90 -10.01 -5.91
CA VAL A 80 15.68 -10.00 -5.13
C VAL A 80 14.97 -11.34 -5.23
N ARG A 81 14.16 -11.63 -4.20
CA ARG A 81 13.16 -12.68 -4.23
C ARG A 81 11.86 -12.08 -3.69
N TRP A 82 10.75 -12.30 -4.40
CA TRP A 82 9.56 -11.50 -4.17
C TRP A 82 8.34 -12.35 -3.87
N SER A 83 7.45 -11.78 -3.05
CA SER A 83 6.13 -12.33 -2.80
C SER A 83 5.17 -11.16 -2.66
N SER A 84 3.88 -11.45 -2.83
CA SER A 84 2.86 -10.44 -2.59
C SER A 84 2.48 -10.43 -1.11
N CYS A 85 2.00 -9.27 -0.65
CA CYS A 85 1.58 -9.12 0.74
C CYS A 85 0.07 -9.20 0.90
N ASN A 86 -0.65 -9.61 -0.13
CA ASN A 86 -2.09 -9.84 -0.04
C ASN A 86 -2.47 -10.99 -0.96
N ILE A 87 -3.43 -11.81 -0.53
CA ILE A 87 -3.79 -12.99 -1.30
C ILE A 87 -4.53 -12.65 -2.59
N PHE A 88 -5.07 -11.44 -2.73
CA PHE A 88 -5.82 -11.06 -3.92
C PHE A 88 -5.14 -9.98 -4.75
N SER A 89 -4.01 -9.45 -4.30
CA SER A 89 -3.50 -8.22 -4.91
C SER A 89 -2.59 -8.45 -6.10
N THR A 90 -2.10 -9.67 -6.32
CA THR A 90 -1.21 -9.90 -7.45
C THR A 90 -1.93 -9.65 -8.78
N GLN A 91 -1.22 -9.02 -9.71
CA GLN A 91 -1.60 -8.99 -11.12
C GLN A 91 -0.82 -10.10 -11.80
N ASP A 92 -1.51 -11.14 -12.23
CA ASP A 92 -0.82 -12.35 -12.67
C ASP A 92 0.11 -12.06 -13.84
N HIS A 93 -0.26 -11.14 -14.73
CA HIS A 93 0.60 -10.88 -15.88
C HIS A 93 1.85 -10.12 -15.46
N ALA A 94 1.77 -9.30 -14.42
CA ALA A 94 2.97 -8.66 -13.88
C ALA A 94 3.92 -9.69 -13.28
N ALA A 95 3.37 -10.61 -12.46
CA ALA A 95 4.20 -11.66 -11.88
C ALA A 95 4.85 -12.50 -12.96
N SER A 96 4.10 -12.81 -14.03
CA SER A 96 4.65 -13.63 -15.11
C SER A 96 5.76 -12.90 -15.86
N ALA A 97 5.63 -11.59 -16.07
CA ALA A 97 6.70 -10.85 -16.73
C ALA A 97 7.97 -10.85 -15.89
N ILE A 98 7.83 -10.68 -14.58
CA ILE A 98 8.98 -10.73 -13.68
C ILE A 98 9.61 -12.13 -13.70
N ALA A 99 8.76 -13.17 -13.60
CA ALA A 99 9.29 -14.54 -13.61
C ALA A 99 10.04 -14.85 -14.90
N ALA A 100 9.55 -14.33 -16.03
CA ALA A 100 10.18 -14.60 -17.32
C ALA A 100 11.56 -13.95 -17.44
N LYS A 101 11.85 -12.92 -16.65
CA LYS A 101 13.18 -12.32 -16.58
C LYS A 101 14.17 -13.15 -15.77
N GLY A 102 13.72 -14.25 -15.17
CA GLY A 102 14.58 -15.01 -14.28
C GLY A 102 14.60 -14.49 -12.85
N ILE A 103 13.71 -13.59 -12.50
CA ILE A 103 13.67 -13.07 -11.14
C ILE A 103 12.74 -13.93 -10.31
N PRO A 104 13.17 -14.43 -9.15
CA PRO A 104 12.31 -15.32 -8.36
C PRO A 104 11.13 -14.55 -7.77
N VAL A 105 9.93 -14.93 -8.18
CA VAL A 105 8.70 -14.34 -7.68
C VAL A 105 7.72 -15.49 -7.39
N PHE A 106 7.03 -15.38 -6.25
CA PHE A 106 6.11 -16.42 -5.79
C PHE A 106 4.81 -15.70 -5.44
N ALA A 107 3.90 -15.64 -6.41
CA ALA A 107 2.74 -14.77 -6.25
C ALA A 107 1.68 -15.06 -7.31
N TRP A 108 0.41 -15.14 -6.89
CA TRP A 108 -0.69 -15.23 -7.84
C TRP A 108 -1.95 -14.71 -7.17
N LYS A 109 -2.89 -14.26 -7.99
CA LYS A 109 -4.15 -13.75 -7.49
C LYS A 109 -5.03 -14.90 -7.01
N GLY A 110 -5.54 -14.77 -5.79
CA GLY A 110 -6.35 -15.82 -5.21
C GLY A 110 -5.55 -16.90 -4.50
N GLU A 111 -4.56 -16.52 -3.71
CA GLU A 111 -3.84 -17.50 -2.91
C GLU A 111 -4.68 -17.93 -1.70
N THR A 112 -4.52 -19.18 -1.30
CA THR A 112 -5.03 -19.54 0.02
C THR A 112 -4.07 -19.02 1.09
N GLU A 113 -4.53 -19.09 2.34
CA GLU A 113 -3.72 -18.64 3.46
C GLU A 113 -2.42 -19.44 3.54
N GLU A 114 -2.49 -20.75 3.29
CA GLU A 114 -1.30 -21.58 3.35
C GLU A 114 -0.34 -21.25 2.22
N GLU A 115 -0.87 -21.06 1.01
CA GLU A 115 -0.03 -20.67 -0.12
C GLU A 115 0.64 -19.33 0.13
N TYR A 116 -0.09 -18.39 0.76
CA TYR A 116 0.45 -17.07 1.04
C TYR A 116 1.74 -17.15 1.86
N TRP A 117 1.71 -17.88 2.98
CA TRP A 117 2.89 -17.94 3.84
C TRP A 117 3.98 -18.79 3.23
N TRP A 118 3.61 -19.79 2.41
CA TRP A 118 4.62 -20.53 1.65
C TRP A 118 5.36 -19.59 0.69
N CYS A 119 4.63 -18.67 0.05
CA CYS A 119 5.27 -17.72 -0.87
C CYS A 119 6.26 -16.84 -0.13
N VAL A 120 5.85 -16.29 1.02
CA VAL A 120 6.75 -15.46 1.82
C VAL A 120 8.01 -16.25 2.17
N GLU A 121 7.83 -17.50 2.60
CA GLU A 121 8.96 -18.32 3.02
C GLU A 121 9.95 -18.52 1.86
N GLN A 122 9.45 -18.64 0.63
CA GLN A 122 10.34 -18.86 -0.50
C GLN A 122 11.29 -17.71 -0.73
N THR A 123 10.95 -16.49 -0.27
CA THR A 123 11.84 -15.35 -0.45
C THR A 123 13.02 -15.35 0.51
N LEU A 124 13.01 -16.24 1.51
CA LEU A 124 13.98 -16.21 2.59
C LEU A 124 15.17 -17.14 2.35
N SER A 125 15.11 -17.98 1.33
CA SER A 125 16.23 -18.83 0.96
C SER A 125 16.15 -19.12 -0.53
N GLY A 126 17.30 -19.07 -1.19
CA GLY A 126 17.38 -19.37 -2.60
C GLY A 126 18.50 -20.34 -2.91
N PRO A 127 18.58 -20.77 -4.17
CA PRO A 127 19.64 -21.70 -4.57
C PRO A 127 21.02 -21.17 -4.19
N ASN A 128 21.95 -22.10 -3.99
CA ASN A 128 23.34 -21.77 -3.64
C ASN A 128 23.44 -21.06 -2.30
N GLY A 129 22.55 -21.38 -1.37
CA GLY A 129 22.59 -20.76 -0.06
C GLY A 129 22.23 -19.29 -0.03
N TRP A 130 21.49 -18.80 -1.03
CA TRP A 130 21.05 -17.41 -1.07
C TRP A 130 20.17 -17.10 0.13
N THR A 131 20.51 -16.05 0.87
CA THR A 131 19.70 -15.53 1.96
C THR A 131 19.65 -14.01 1.87
N PRO A 132 18.55 -13.39 2.28
CA PRO A 132 18.46 -11.92 2.19
C PRO A 132 19.33 -11.25 3.22
N ASN A 133 19.85 -10.08 2.86
CA ASN A 133 20.40 -9.16 3.85
C ASN A 133 19.56 -7.90 3.98
N LEU A 134 18.42 -7.84 3.31
CA LEU A 134 17.53 -6.71 3.36
C LEU A 134 16.09 -7.21 3.24
N LEU A 135 15.17 -6.51 3.91
CA LEU A 135 13.74 -6.77 3.79
C LEU A 135 13.05 -5.54 3.24
N LEU A 136 12.09 -5.77 2.33
CA LEU A 136 11.22 -4.72 1.82
C LEU A 136 9.80 -5.19 2.07
N ASP A 137 9.06 -4.46 2.91
CA ASP A 137 7.83 -4.99 3.49
C ASP A 137 6.70 -4.00 3.30
N ASP A 138 5.50 -4.54 3.16
CA ASP A 138 4.27 -3.75 3.03
C ASP A 138 3.25 -4.44 3.92
N GLY A 139 3.13 -3.98 5.16
CA GLY A 139 2.18 -4.51 6.12
C GLY A 139 2.80 -5.25 7.27
N GLY A 140 4.09 -5.57 7.21
CA GLY A 140 4.80 -6.15 8.34
C GLY A 140 4.81 -7.66 8.43
N ASP A 141 4.21 -8.36 7.46
CA ASP A 141 4.16 -9.83 7.55
C ASP A 141 5.55 -10.44 7.40
N LEU A 142 6.33 -9.96 6.43
CA LEU A 142 7.67 -10.50 6.22
C LEU A 142 8.54 -10.20 7.43
N THR A 143 8.46 -8.98 7.97
CA THR A 143 9.19 -8.61 9.17
C THR A 143 8.82 -9.52 10.33
N GLN A 144 7.53 -9.84 10.46
CA GLN A 144 7.09 -10.72 11.55
C GLN A 144 7.65 -12.12 11.38
N VAL A 145 7.54 -12.69 10.18
CA VAL A 145 8.02 -14.05 9.92
C VAL A 145 9.49 -14.17 10.27
N VAL A 146 10.31 -13.21 9.81
CA VAL A 146 11.75 -13.29 10.08
C VAL A 146 12.00 -13.22 11.58
N HIS A 147 11.40 -12.22 12.25
CA HIS A 147 11.64 -12.04 13.68
C HIS A 147 11.18 -13.26 14.49
N GLN A 148 10.01 -13.80 14.14
CA GLN A 148 9.39 -14.84 14.95
C GLN A 148 9.85 -16.25 14.58
N LYS A 149 10.07 -16.52 13.29
CA LYS A 149 10.37 -17.87 12.85
C LYS A 149 11.75 -18.09 12.26
N HIS A 150 12.54 -17.02 12.05
CA HIS A 150 13.88 -17.17 11.45
C HIS A 150 14.88 -16.26 12.15
N PRO A 151 15.00 -16.38 13.49
CA PRO A 151 15.85 -15.43 14.22
C PRO A 151 17.32 -15.52 13.87
N LYS A 152 17.78 -16.66 13.34
CA LYS A 152 19.17 -16.75 12.88
C LYS A 152 19.40 -15.85 11.67
N LEU A 153 18.42 -15.77 10.77
CA LEU A 153 18.52 -14.88 9.62
C LEU A 153 18.59 -13.41 10.03
N LEU A 154 18.03 -13.06 11.19
CA LEU A 154 18.00 -11.68 11.64
C LEU A 154 19.38 -11.05 11.68
N THR A 155 20.39 -11.82 12.13
CA THR A 155 21.72 -11.24 12.33
C THR A 155 22.27 -10.65 11.04
N ALA A 156 22.02 -11.31 9.90
CA ALA A 156 22.55 -10.85 8.63
C ALA A 156 21.70 -9.76 8.00
N ILE A 157 20.51 -9.46 8.51
CA ILE A 157 19.64 -8.48 7.89
C ILE A 157 20.07 -7.09 8.34
N LYS A 158 20.38 -6.22 7.37
CA LYS A 158 20.82 -4.87 7.64
C LYS A 158 19.67 -3.96 8.05
N GLY A 159 18.47 -4.22 7.56
CA GLY A 159 17.30 -3.45 7.97
C GLY A 159 16.10 -3.79 7.11
N VAL A 160 14.98 -3.15 7.44
CA VAL A 160 13.74 -3.28 6.67
C VAL A 160 13.23 -1.88 6.33
N SER A 161 12.71 -1.71 5.11
CA SER A 161 11.95 -0.50 4.75
C SER A 161 10.48 -0.89 4.62
N GLU A 162 9.58 -0.13 5.26
CA GLU A 162 8.19 -0.53 5.43
C GLU A 162 7.24 0.46 4.78
N GLU A 163 6.30 -0.08 3.99
CA GLU A 163 5.52 0.71 3.05
C GLU A 163 4.33 1.42 3.68
N THR A 164 3.60 0.79 4.60
CA THR A 164 2.25 1.25 4.89
C THR A 164 2.00 1.49 6.38
N THR A 165 0.92 2.23 6.64
CA THR A 165 0.64 2.73 8.00
C THR A 165 0.54 1.59 9.00
N THR A 166 -0.20 0.53 8.67
CA THR A 166 -0.35 -0.57 9.61
C THR A 166 0.99 -1.26 9.89
N GLY A 167 1.83 -1.36 8.86
CA GLY A 167 3.14 -1.96 9.06
C GLY A 167 4.02 -1.15 9.99
N VAL A 168 4.02 0.18 9.84
CA VAL A 168 4.85 0.99 10.72
C VAL A 168 4.29 0.97 12.13
N ALA A 169 2.97 0.89 12.29
CA ALA A 169 2.40 0.72 13.64
C ALA A 169 2.93 -0.56 14.29
N ARG A 170 3.00 -1.66 13.54
CA ARG A 170 3.54 -2.91 14.08
C ARG A 170 5.02 -2.75 14.46
N LEU A 171 5.77 -1.97 13.67
CA LEU A 171 7.17 -1.72 14.01
C LEU A 171 7.27 -0.95 15.32
N TYR A 172 6.40 0.04 15.54
CA TYR A 172 6.48 0.82 16.77
C TYR A 172 6.06 -0.02 17.98
N GLU A 173 5.10 -0.93 17.81
CA GLU A 173 4.77 -1.85 18.90
C GLU A 173 5.96 -2.73 19.25
N MET A 174 6.65 -3.22 18.21
CA MET A 174 7.84 -4.04 18.44
C MET A 174 8.92 -3.25 19.18
N ALA A 175 9.22 -2.05 18.69
CA ALA A 175 10.26 -1.25 19.32
C ALA A 175 9.90 -0.89 20.76
N LYS A 176 8.62 -0.67 21.04
CA LYS A 176 8.21 -0.31 22.39
C LYS A 176 8.50 -1.43 23.40
N HIS A 177 8.52 -2.69 22.94
CA HIS A 177 8.74 -3.84 23.82
C HIS A 177 10.08 -4.51 23.57
N GLY A 178 11.01 -3.83 22.92
CA GLY A 178 12.32 -4.42 22.69
C GLY A 178 12.33 -5.62 21.77
N GLN A 179 11.32 -5.77 20.92
CA GLN A 179 11.24 -6.92 20.02
C GLN A 179 11.78 -6.63 18.62
N LEU A 180 12.01 -5.35 18.27
CA LEU A 180 12.60 -5.01 16.98
C LEU A 180 14.11 -5.22 17.03
N LYS A 181 14.63 -6.10 16.17
CA LYS A 181 16.02 -6.51 16.21
C LYS A 181 16.83 -6.03 15.01
N ILE A 182 16.26 -5.14 14.20
CA ILE A 182 16.95 -4.59 13.02
C ILE A 182 16.52 -3.14 12.85
N PRO A 183 17.34 -2.32 12.19
CA PRO A 183 16.88 -0.97 11.84
C PRO A 183 15.70 -1.03 10.90
N ALA A 184 14.81 -0.04 11.01
CA ALA A 184 13.64 0.05 10.15
C ALA A 184 13.52 1.47 9.61
N ILE A 185 13.25 1.60 8.32
CA ILE A 185 12.94 2.90 7.72
C ILE A 185 11.45 2.93 7.48
N ASN A 186 10.78 3.93 8.06
CA ASN A 186 9.36 4.14 7.86
C ASN A 186 9.19 4.88 6.53
N VAL A 187 8.83 4.14 5.49
CA VAL A 187 8.61 4.77 4.18
C VAL A 187 7.24 5.42 4.12
N ASN A 188 6.25 4.87 4.84
CA ASN A 188 4.91 5.45 4.81
C ASN A 188 4.92 6.94 5.11
N ASN A 189 5.72 7.35 6.09
CA ASN A 189 5.67 8.73 6.56
C ASN A 189 6.69 9.64 5.90
N ALA A 190 7.28 9.23 4.78
CA ALA A 190 7.74 10.25 3.84
C ALA A 190 6.53 11.07 3.44
N VAL A 191 6.70 12.39 3.30
CA VAL A 191 5.58 13.20 2.85
C VAL A 191 5.13 12.77 1.47
N THR A 192 6.09 12.48 0.58
CA THR A 192 5.78 12.09 -0.79
C THR A 192 5.22 10.65 -0.86
N LYS A 193 4.98 9.99 0.28
CA LYS A 193 4.20 8.75 0.32
C LYS A 193 2.86 8.99 0.99
N SER A 194 2.85 9.23 2.31
CA SER A 194 1.60 9.34 3.06
C SER A 194 0.62 10.33 2.45
N LYS A 195 1.10 11.49 2.01
CA LYS A 195 0.19 12.53 1.52
C LYS A 195 -0.08 12.42 0.04
N PHE A 196 0.39 11.36 -0.62
CA PHE A 196 0.17 11.18 -2.05
C PHE A 196 -0.45 9.82 -2.33
N ASP A 197 0.33 8.76 -2.14
CA ASP A 197 -0.18 7.39 -2.21
C ASP A 197 -1.48 7.22 -1.39
N ASN A 198 -1.38 7.40 -0.07
CA ASN A 198 -2.52 7.08 0.79
C ASN A 198 -3.75 7.89 0.38
N LEU A 199 -3.54 9.12 -0.03
CA LEU A 199 -4.62 10.09 -0.25
C LEU A 199 -5.07 10.06 -1.71
N TYR A 200 -4.22 10.55 -2.63
CA TYR A 200 -4.59 10.61 -4.05
C TYR A 200 -4.67 9.23 -4.68
N GLY A 201 -3.87 8.28 -4.20
CA GLY A 201 -4.01 6.91 -4.70
C GLY A 201 -5.40 6.36 -4.44
N CYS A 202 -5.80 6.39 -3.17
CA CYS A 202 -7.14 5.88 -2.82
C CYS A 202 -8.24 6.69 -3.47
N ARG A 203 -8.01 7.98 -3.72
CA ARG A 203 -9.04 8.80 -4.35
C ARG A 203 -9.44 8.22 -5.70
N GLU A 204 -8.52 7.54 -6.37
CA GLU A 204 -8.84 6.91 -7.65
C GLU A 204 -9.11 5.42 -7.53
N SER A 205 -8.35 4.69 -6.71
CA SER A 205 -8.46 3.24 -6.74
C SER A 205 -9.60 2.70 -5.88
N LEU A 206 -10.13 3.48 -4.92
CA LEU A 206 -11.33 3.02 -4.23
C LEU A 206 -12.49 2.94 -5.20
N LEU A 207 -12.71 4.00 -5.97
CA LEU A 207 -13.79 4.03 -6.93
C LEU A 207 -13.63 2.94 -7.98
N ASP A 208 -12.38 2.70 -8.40
CA ASP A 208 -12.08 1.65 -9.36
C ASP A 208 -12.53 0.29 -8.84
N GLY A 209 -12.11 -0.05 -7.63
CA GLY A 209 -12.50 -1.33 -7.04
C GLY A 209 -14.01 -1.46 -6.90
N LEU A 210 -14.68 -0.40 -6.46
CA LEU A 210 -16.13 -0.43 -6.31
C LEU A 210 -16.80 -0.68 -7.65
N LYS A 211 -16.37 0.03 -8.68
CA LYS A 211 -17.03 -0.06 -9.98
C LYS A 211 -16.81 -1.42 -10.64
N ARG A 212 -15.55 -1.88 -10.69
CA ARG A 212 -15.29 -3.18 -11.31
C ARG A 212 -16.08 -4.28 -10.63
N ALA A 213 -16.19 -4.21 -9.30
CA ALA A 213 -16.83 -5.28 -8.53
C ALA A 213 -18.34 -5.27 -8.70
N THR A 214 -18.96 -4.09 -8.62
CA THR A 214 -20.41 -3.98 -8.51
C THR A 214 -21.08 -3.16 -9.59
N ASP A 215 -20.35 -2.29 -10.29
CA ASP A 215 -20.94 -1.40 -11.29
C ASP A 215 -21.98 -0.47 -10.67
N VAL A 216 -21.86 -0.20 -9.38
CA VAL A 216 -22.89 0.57 -8.68
C VAL A 216 -22.81 2.05 -9.05
N MET A 217 -23.98 2.68 -9.20
CA MET A 217 -24.04 4.12 -9.32
C MET A 217 -23.61 4.78 -8.01
N ILE A 218 -22.69 5.73 -8.07
CA ILE A 218 -22.29 6.45 -6.87
C ILE A 218 -23.23 7.63 -6.60
N ALA A 219 -23.63 8.34 -7.66
CA ALA A 219 -24.48 9.51 -7.52
C ALA A 219 -25.76 9.20 -6.74
N GLY A 220 -26.08 10.06 -5.76
CA GLY A 220 -27.29 9.88 -4.95
C GLY A 220 -27.17 8.88 -3.81
N LYS A 221 -26.10 8.10 -3.76
CA LYS A 221 -25.93 7.12 -2.69
C LYS A 221 -25.47 7.78 -1.40
N VAL A 222 -25.77 7.14 -0.27
CA VAL A 222 -25.22 7.51 1.04
C VAL A 222 -24.06 6.56 1.30
N ALA A 223 -22.85 7.10 1.35
CA ALA A 223 -21.64 6.31 1.54
C ALA A 223 -20.99 6.70 2.85
N LEU A 224 -20.64 5.72 3.67
CA LEU A 224 -19.99 5.97 4.96
C LEU A 224 -18.53 5.56 4.87
N ILE A 225 -17.63 6.49 5.22
CA ILE A 225 -16.20 6.20 5.30
C ILE A 225 -15.84 6.11 6.78
N LEU A 226 -15.34 4.95 7.23
CA LEU A 226 -14.95 4.78 8.62
C LEU A 226 -13.46 5.07 8.75
N GLY A 227 -13.13 6.24 9.30
CA GLY A 227 -11.76 6.69 9.38
C GLY A 227 -11.48 7.84 8.42
N TYR A 228 -10.93 8.93 8.93
CA TYR A 228 -10.64 10.11 8.12
C TYR A 228 -9.16 10.50 8.25
N GLY A 229 -8.27 9.50 8.21
CA GLY A 229 -6.85 9.73 8.03
C GLY A 229 -6.53 9.96 6.56
N ASP A 230 -5.30 9.65 6.17
CA ASP A 230 -4.91 9.93 4.78
C ASP A 230 -5.74 9.10 3.80
N VAL A 231 -5.98 7.83 4.12
CA VAL A 231 -6.76 6.99 3.23
C VAL A 231 -8.22 7.46 3.20
N GLY A 232 -8.83 7.63 4.37
CA GLY A 232 -10.22 8.06 4.43
C GLY A 232 -10.46 9.41 3.78
N LYS A 233 -9.48 10.32 3.90
CA LYS A 233 -9.60 11.62 3.24
C LYS A 233 -9.74 11.45 1.73
N GLY A 234 -8.94 10.56 1.14
CA GLY A 234 -9.00 10.37 -0.30
C GLY A 234 -10.27 9.65 -0.72
N CYS A 235 -10.70 8.66 0.08
CA CYS A 235 -11.94 7.95 -0.19
C CYS A 235 -13.13 8.89 -0.22
N ALA A 236 -13.18 9.81 0.74
CA ALA A 236 -14.28 10.76 0.82
C ALA A 236 -14.34 11.63 -0.42
N GLN A 237 -13.20 12.23 -0.80
CA GLN A 237 -13.13 13.04 -2.01
C GLN A 237 -13.64 12.26 -3.22
N ALA A 238 -13.20 11.01 -3.35
CA ALA A 238 -13.59 10.19 -4.50
C ALA A 238 -15.10 10.13 -4.65
N LEU A 239 -15.78 9.67 -3.61
CA LEU A 239 -17.22 9.46 -3.71
C LEU A 239 -17.96 10.78 -3.77
N ARG A 240 -17.48 11.79 -3.05
CA ARG A 240 -18.10 13.12 -3.13
C ARG A 240 -18.07 13.67 -4.56
N GLY A 241 -16.95 13.47 -5.25
CA GLY A 241 -16.82 13.97 -6.61
C GLY A 241 -17.83 13.36 -7.56
N GLN A 242 -18.32 12.16 -7.23
CA GLN A 242 -19.26 11.46 -8.09
C GLN A 242 -20.71 11.60 -7.62
N GLY A 243 -20.97 12.49 -6.66
CA GLY A 243 -22.33 12.81 -6.29
C GLY A 243 -22.91 12.00 -5.16
N ALA A 244 -22.08 11.28 -4.41
CA ALA A 244 -22.57 10.64 -3.20
C ALA A 244 -22.70 11.66 -2.08
N THR A 245 -23.69 11.43 -1.21
CA THR A 245 -23.70 12.01 0.12
C THR A 245 -22.72 11.22 0.98
N VAL A 246 -21.66 11.86 1.44
CA VAL A 246 -20.57 11.15 2.12
C VAL A 246 -20.67 11.41 3.62
N LEU A 247 -20.81 10.33 4.40
CA LEU A 247 -20.73 10.38 5.85
C LEU A 247 -19.36 9.92 6.32
N VAL A 248 -18.91 10.43 7.46
CA VAL A 248 -17.58 10.09 7.99
C VAL A 248 -17.74 9.70 9.46
N ALA A 249 -17.07 8.60 9.85
CA ALA A 249 -16.93 8.24 11.26
C ALA A 249 -15.48 8.43 11.68
N GLU A 250 -15.26 8.94 12.89
CA GLU A 250 -13.92 9.15 13.41
C GLU A 250 -13.94 9.03 14.93
N ALA A 251 -12.87 8.48 15.47
CA ALA A 251 -12.59 8.50 16.90
C ALA A 251 -11.67 9.63 17.29
N ASP A 252 -10.92 10.19 16.35
CA ASP A 252 -9.96 11.26 16.62
C ASP A 252 -10.67 12.60 16.43
N PRO A 253 -10.75 13.46 17.45
CA PRO A 253 -11.52 14.72 17.30
C PRO A 253 -10.90 15.69 16.32
N ILE A 254 -9.58 15.67 16.15
CA ILE A 254 -8.98 16.54 15.15
C ILE A 254 -9.36 16.09 13.74
N CYS A 255 -9.19 14.80 13.45
CA CYS A 255 -9.63 14.32 12.14
C CYS A 255 -11.13 14.53 11.94
N ALA A 256 -11.93 14.34 12.99
CA ALA A 256 -13.36 14.60 12.88
C ALA A 256 -13.63 16.05 12.51
N LEU A 257 -12.94 16.99 13.18
CA LEU A 257 -13.18 18.39 12.86
C LEU A 257 -12.78 18.72 11.43
N GLN A 258 -11.69 18.12 10.93
CA GLN A 258 -11.33 18.30 9.53
C GLN A 258 -12.47 17.87 8.61
N ALA A 259 -13.01 16.67 8.86
CA ALA A 259 -14.08 16.17 8.00
C ALA A 259 -15.30 17.08 8.07
N ALA A 260 -15.66 17.51 9.27
CA ALA A 260 -16.81 18.41 9.41
C ALA A 260 -16.59 19.71 8.64
N MET A 261 -15.37 20.26 8.68
CA MET A 261 -15.07 21.50 7.97
C MET A 261 -15.01 21.32 6.47
N GLU A 262 -14.92 20.09 5.97
CA GLU A 262 -15.05 19.86 4.54
C GLU A 262 -16.49 19.64 4.11
N GLY A 263 -17.43 19.70 5.05
CA GLY A 263 -18.84 19.55 4.74
C GLY A 263 -19.42 18.16 4.94
N TYR A 264 -18.63 17.21 5.45
CA TYR A 264 -19.15 15.88 5.74
C TYR A 264 -19.80 15.84 7.11
N ARG A 265 -20.97 15.20 7.19
CA ARG A 265 -21.55 14.93 8.50
C ARG A 265 -20.75 13.82 9.16
N VAL A 266 -20.34 14.06 10.40
CA VAL A 266 -19.54 13.09 11.14
C VAL A 266 -20.46 12.35 12.07
N VAL A 267 -20.57 11.03 11.88
CA VAL A 267 -21.63 10.22 12.45
C VAL A 267 -21.01 8.93 12.96
N THR A 268 -21.80 8.18 13.73
CA THR A 268 -21.40 6.83 14.13
C THR A 268 -22.18 5.80 13.35
N LEU A 269 -21.53 4.68 13.05
CA LEU A 269 -22.26 3.60 12.38
C LEU A 269 -23.34 3.03 13.29
N ASP A 270 -23.15 3.10 14.60
CA ASP A 270 -24.23 2.74 15.53
C ASP A 270 -25.51 3.49 15.22
N ASP A 271 -25.40 4.77 14.81
CA ASP A 271 -26.58 5.57 14.53
C ASP A 271 -27.11 5.33 13.10
N VAL A 272 -26.24 5.19 12.09
CA VAL A 272 -26.66 5.37 10.71
C VAL A 272 -26.74 4.06 9.92
N ALA A 273 -26.62 2.90 10.57
CA ALA A 273 -26.52 1.63 9.84
C ALA A 273 -27.66 1.45 8.83
N GLU A 274 -28.89 1.80 9.21
CA GLU A 274 -30.04 1.66 8.30
C GLU A 274 -30.00 2.62 7.12
N GLN A 275 -29.13 3.63 7.15
CA GLN A 275 -29.16 4.69 6.16
C GLN A 275 -28.14 4.53 5.04
N VAL A 276 -27.18 3.64 5.15
CA VAL A 276 -26.05 3.64 4.24
C VAL A 276 -26.30 2.68 3.07
N ASP A 277 -25.86 3.09 1.88
CA ASP A 277 -25.81 2.24 0.69
C ASP A 277 -24.45 1.58 0.49
N ILE A 278 -23.40 2.27 0.90
CA ILE A 278 -22.03 1.83 0.68
C ILE A 278 -21.24 2.14 1.94
N VAL A 279 -20.48 1.16 2.41
CA VAL A 279 -19.65 1.29 3.61
C VAL A 279 -18.22 0.98 3.22
N VAL A 280 -17.29 1.85 3.60
CA VAL A 280 -15.87 1.69 3.32
C VAL A 280 -15.14 1.83 4.65
N THR A 281 -14.45 0.77 5.08
CA THR A 281 -13.62 0.88 6.28
C THR A 281 -12.22 1.31 5.88
N ALA A 282 -11.74 2.40 6.51
CA ALA A 282 -10.43 2.99 6.26
C ALA A 282 -9.70 3.29 7.56
N ALA A 283 -9.92 2.46 8.58
CA ALA A 283 -9.50 2.80 9.94
C ALA A 283 -8.20 2.13 10.37
N GLY A 284 -7.79 1.05 9.71
CA GLY A 284 -6.68 0.25 10.23
C GLY A 284 -6.96 -0.37 11.59
N ASN A 285 -8.23 -0.59 11.92
CA ASN A 285 -8.63 -1.02 13.25
C ASN A 285 -9.48 -2.29 13.16
N TYR A 286 -10.03 -2.73 14.28
CA TYR A 286 -10.59 -4.07 14.43
C TYR A 286 -12.10 -3.99 14.63
N HIS A 287 -12.87 -4.67 13.77
CA HIS A 287 -14.32 -4.77 13.90
C HIS A 287 -14.99 -3.40 14.05
N VAL A 288 -14.66 -2.49 13.14
CA VAL A 288 -15.37 -1.22 13.11
C VAL A 288 -16.74 -1.38 12.47
N VAL A 289 -16.97 -2.48 11.74
CA VAL A 289 -18.28 -2.89 11.24
C VAL A 289 -18.61 -4.23 11.88
N THR A 290 -19.69 -4.27 12.66
CA THR A 290 -20.09 -5.44 13.44
C THR A 290 -21.27 -6.15 12.79
N HIS A 291 -21.57 -7.34 13.30
CA HIS A 291 -22.72 -8.11 12.83
C HIS A 291 -24.00 -7.29 12.93
N ASP A 292 -24.25 -6.66 14.08
CA ASP A 292 -25.48 -5.88 14.23
C ASP A 292 -25.56 -4.76 13.21
N HIS A 293 -24.43 -4.09 12.93
CA HIS A 293 -24.43 -3.08 11.87
C HIS A 293 -24.91 -3.69 10.56
N MET A 294 -24.35 -4.85 10.21
CA MET A 294 -24.69 -5.45 8.92
C MET A 294 -26.10 -6.00 8.90
N LYS A 295 -26.59 -6.53 10.04
CA LYS A 295 -27.98 -6.96 10.10
C LYS A 295 -28.93 -5.80 9.85
N ARG A 296 -28.57 -4.59 10.29
CA ARG A 296 -29.44 -3.44 10.14
C ARG A 296 -29.40 -2.82 8.74
N MET A 297 -28.46 -3.21 7.90
CA MET A 297 -28.27 -2.55 6.61
C MET A 297 -29.33 -2.98 5.61
N ARG A 298 -29.58 -2.10 4.65
CA ARG A 298 -30.59 -2.33 3.63
C ARG A 298 -30.19 -3.48 2.73
N ASN A 299 -31.17 -4.01 2.01
CA ASN A 299 -30.93 -5.03 1.01
C ASN A 299 -29.95 -4.52 -0.04
N GLN A 300 -28.94 -5.34 -0.36
CA GLN A 300 -27.91 -5.06 -1.35
C GLN A 300 -26.96 -3.93 -0.94
N ALA A 301 -26.85 -3.61 0.35
CA ALA A 301 -25.79 -2.70 0.78
C ALA A 301 -24.43 -3.29 0.43
N ILE A 302 -23.49 -2.42 0.07
CA ILE A 302 -22.16 -2.80 -0.39
C ILE A 302 -21.15 -2.45 0.71
N LEU A 303 -20.40 -3.46 1.16
CA LEU A 303 -19.39 -3.27 2.19
C LEU A 303 -18.02 -3.64 1.65
N CYS A 304 -17.03 -2.78 1.91
CA CYS A 304 -15.66 -3.11 1.52
C CYS A 304 -14.69 -2.50 2.52
N ASN A 305 -13.47 -3.00 2.47
CA ASN A 305 -12.38 -2.57 3.34
C ASN A 305 -11.22 -2.11 2.45
N ILE A 306 -10.75 -0.89 2.67
CA ILE A 306 -9.53 -0.43 2.00
C ILE A 306 -8.36 -0.30 2.97
N GLY A 307 -8.56 -0.63 4.26
CA GLY A 307 -7.47 -0.71 5.19
C GLY A 307 -6.80 -2.08 5.12
N HIS A 308 -5.65 -2.21 5.78
CA HIS A 308 -4.71 -3.25 5.36
C HIS A 308 -5.13 -4.68 5.74
N PHE A 309 -5.98 -4.89 6.73
CA PHE A 309 -6.28 -6.25 7.16
C PHE A 309 -7.78 -6.55 7.07
N ASP A 310 -8.11 -7.86 7.02
CA ASP A 310 -9.44 -8.40 6.77
C ASP A 310 -10.38 -8.35 7.98
N SER A 311 -9.97 -7.73 9.07
CA SER A 311 -10.81 -7.73 10.27
C SER A 311 -11.37 -6.35 10.60
N GLU A 312 -11.28 -5.39 9.68
CA GLU A 312 -12.00 -4.13 9.88
C GLU A 312 -13.50 -4.37 9.90
N ILE A 313 -13.99 -5.26 9.02
CA ILE A 313 -15.34 -5.81 9.05
C ILE A 313 -15.27 -7.16 9.75
N ASP A 314 -16.23 -7.44 10.64
CA ASP A 314 -16.31 -8.76 11.27
C ASP A 314 -16.92 -9.74 10.26
N ILE A 315 -16.07 -10.23 9.36
CA ILE A 315 -16.52 -11.21 8.37
C ILE A 315 -16.82 -12.55 9.02
N GLN A 316 -16.12 -12.88 10.12
CA GLN A 316 -16.43 -14.09 10.88
C GLN A 316 -17.90 -14.17 11.27
N SER A 317 -18.49 -13.05 11.69
CA SER A 317 -19.89 -13.07 12.12
C SER A 317 -20.84 -13.43 10.97
N LEU A 318 -20.35 -13.46 9.73
CA LEU A 318 -21.16 -13.77 8.56
C LEU A 318 -21.07 -15.24 8.17
N LYS A 319 -20.18 -16.01 8.79
CA LYS A 319 -20.08 -17.42 8.46
C LYS A 319 -21.35 -18.18 8.82
N GLN A 320 -22.15 -17.67 9.75
CA GLN A 320 -23.42 -18.32 10.13
C GLN A 320 -24.47 -18.26 9.01
N TYR A 321 -24.23 -17.49 7.95
CA TYR A 321 -25.20 -17.29 6.88
C TYR A 321 -24.71 -17.95 5.59
N GLN A 322 -25.63 -18.09 4.65
CA GLN A 322 -25.28 -18.59 3.33
C GLN A 322 -24.58 -17.51 2.51
N TRP A 323 -23.44 -17.89 1.91
CA TRP A 323 -22.72 -17.03 0.98
C TRP A 323 -22.97 -17.53 -0.43
N GLU A 324 -23.30 -16.62 -1.33
CA GLU A 324 -23.50 -16.98 -2.73
C GLU A 324 -22.57 -16.11 -3.56
N ASN A 325 -21.66 -16.75 -4.27
CA ASN A 325 -20.71 -16.00 -5.07
C ASN A 325 -21.38 -15.39 -6.28
N ILE A 326 -21.08 -14.12 -6.54
CA ILE A 326 -21.54 -13.44 -7.75
C ILE A 326 -20.52 -13.56 -8.85
N LYS A 327 -19.27 -13.23 -8.53
CA LYS A 327 -18.12 -13.41 -9.40
C LYS A 327 -16.89 -13.35 -8.51
N PRO A 328 -15.69 -13.59 -9.04
CA PRO A 328 -14.51 -13.60 -8.17
C PRO A 328 -14.40 -12.33 -7.34
N GLN A 329 -14.21 -12.52 -6.03
CA GLN A 329 -14.05 -11.44 -5.05
C GLN A 329 -15.30 -10.58 -4.87
N VAL A 330 -16.47 -11.07 -5.28
CA VAL A 330 -17.74 -10.36 -5.08
C VAL A 330 -18.75 -11.40 -4.62
N ASP A 331 -19.20 -11.27 -3.37
CA ASP A 331 -20.05 -12.29 -2.75
C ASP A 331 -21.29 -11.66 -2.15
N HIS A 332 -22.39 -12.43 -2.21
CA HIS A 332 -23.58 -12.14 -1.44
C HIS A 332 -23.53 -12.90 -0.12
N VAL A 333 -23.95 -12.23 0.94
CA VAL A 333 -24.26 -12.87 2.22
C VAL A 333 -25.76 -12.72 2.43
N ILE A 334 -26.43 -13.86 2.62
CA ILE A 334 -27.89 -13.91 2.64
C ILE A 334 -28.34 -14.09 4.08
N PHE A 335 -29.07 -13.11 4.61
CA PHE A 335 -29.59 -13.20 5.97
C PHE A 335 -30.86 -14.05 6.01
N PRO A 336 -31.28 -14.48 7.21
CA PRO A 336 -32.41 -15.44 7.28
C PRO A 336 -33.71 -14.92 6.67
N ASP A 337 -33.98 -13.62 6.74
CA ASP A 337 -35.18 -13.03 6.17
C ASP A 337 -35.08 -12.78 4.67
N GLY A 338 -34.05 -13.29 4.00
CA GLY A 338 -33.84 -13.03 2.59
C GLY A 338 -33.01 -11.81 2.25
N LYS A 339 -32.76 -10.91 3.21
CA LYS A 339 -31.98 -9.72 2.93
C LYS A 339 -30.54 -10.07 2.56
N ARG A 340 -30.01 -9.41 1.53
CA ARG A 340 -28.64 -9.67 1.10
C ARG A 340 -27.75 -8.44 1.29
N ILE A 341 -26.49 -8.69 1.63
CA ILE A 341 -25.46 -7.65 1.53
C ILE A 341 -24.38 -8.15 0.59
N ILE A 342 -23.69 -7.21 -0.04
CA ILE A 342 -22.61 -7.51 -0.98
C ILE A 342 -21.29 -7.25 -0.26
N ILE A 343 -20.44 -8.28 -0.19
CA ILE A 343 -19.13 -8.20 0.45
C ILE A 343 -18.06 -8.24 -0.64
N LEU A 344 -17.14 -7.28 -0.62
CA LEU A 344 -16.10 -7.21 -1.63
C LEU A 344 -14.79 -7.82 -1.11
N ALA A 345 -14.23 -8.76 -1.89
CA ALA A 345 -12.89 -9.31 -1.66
C ALA A 345 -12.76 -9.96 -0.29
N GLU A 346 -13.86 -10.55 0.20
CA GLU A 346 -13.87 -11.19 1.52
C GLU A 346 -13.36 -10.25 2.61
N GLY A 347 -13.64 -8.97 2.47
CA GLY A 347 -13.22 -7.98 3.46
C GLY A 347 -11.78 -7.51 3.37
N ARG A 348 -11.02 -7.94 2.35
CA ARG A 348 -9.64 -7.48 2.18
C ARG A 348 -9.56 -6.32 1.19
N LEU A 349 -8.38 -5.69 1.15
CA LEU A 349 -8.12 -4.45 0.41
C LEU A 349 -8.88 -4.42 -0.90
N VAL A 350 -9.88 -3.53 -0.99
CA VAL A 350 -10.80 -3.58 -2.13
C VAL A 350 -10.15 -3.00 -3.39
N ASN A 351 -9.30 -1.98 -3.26
CA ASN A 351 -8.71 -1.37 -4.46
C ASN A 351 -7.77 -2.36 -5.15
N LEU A 352 -7.01 -3.14 -4.39
CA LEU A 352 -6.12 -4.13 -4.97
C LEU A 352 -6.80 -5.48 -5.23
N GLY A 353 -7.82 -5.83 -4.44
CA GLY A 353 -8.49 -7.11 -4.63
C GLY A 353 -9.51 -7.12 -5.76
N CYS A 354 -10.19 -6.00 -6.00
CA CYS A 354 -11.23 -5.91 -7.01
C CYS A 354 -10.84 -5.05 -8.20
N ALA A 355 -9.73 -4.34 -8.11
CA ALA A 355 -9.19 -3.61 -9.26
C ALA A 355 -7.68 -3.83 -9.28
N THR A 356 -6.88 -2.79 -9.55
CA THR A 356 -5.44 -2.96 -9.72
C THR A 356 -4.62 -2.12 -8.76
N GLY A 357 -5.21 -1.65 -7.65
CA GLY A 357 -4.49 -0.76 -6.77
C GLY A 357 -4.29 0.62 -7.39
N HIS A 358 -3.41 1.39 -6.77
CA HIS A 358 -3.16 2.76 -7.22
C HIS A 358 -2.52 2.77 -8.60
N PRO A 359 -2.72 3.83 -9.37
CA PRO A 359 -2.05 3.94 -10.67
C PRO A 359 -0.55 4.14 -10.53
N SER A 360 0.13 3.91 -11.66
CA SER A 360 1.59 3.93 -11.69
C SER A 360 2.18 5.25 -11.20
N PHE A 361 1.60 6.38 -11.59
CA PHE A 361 2.28 7.65 -11.32
C PHE A 361 2.47 7.86 -9.82
N VAL A 362 1.41 7.68 -9.04
CA VAL A 362 1.59 7.91 -7.60
C VAL A 362 2.41 6.78 -6.98
N MET A 363 2.31 5.56 -7.50
CA MET A 363 3.17 4.48 -7.00
C MET A 363 4.65 4.78 -7.25
N SER A 364 4.97 5.54 -8.30
CA SER A 364 6.35 5.94 -8.51
C SER A 364 6.88 6.78 -7.35
N ALA A 365 6.03 7.64 -6.78
CA ALA A 365 6.45 8.42 -5.62
C ALA A 365 6.73 7.50 -4.43
N SER A 366 5.82 6.58 -4.15
CA SER A 366 6.04 5.64 -3.05
C SER A 366 7.30 4.81 -3.28
N PHE A 367 7.48 4.33 -4.49
CA PHE A 367 8.55 3.38 -4.76
C PHE A 367 9.90 4.04 -4.95
N THR A 368 9.93 5.31 -5.35
CA THR A 368 11.20 6.04 -5.31
C THR A 368 11.71 6.18 -3.88
N ASN A 369 10.79 6.38 -2.92
CA ASN A 369 11.17 6.36 -1.51
C ASN A 369 11.70 4.98 -1.10
N GLN A 370 11.05 3.92 -1.57
CA GLN A 370 11.51 2.57 -1.21
C GLN A 370 12.95 2.34 -1.68
N VAL A 371 13.25 2.70 -2.92
CA VAL A 371 14.60 2.47 -3.44
C VAL A 371 15.63 3.27 -2.65
N LEU A 372 15.34 4.54 -2.35
CA LEU A 372 16.27 5.36 -1.57
C LEU A 372 16.49 4.77 -0.18
N ALA A 373 15.43 4.22 0.44
CA ALA A 373 15.58 3.61 1.75
C ALA A 373 16.47 2.38 1.67
N GLN A 374 16.26 1.54 0.64
CA GLN A 374 17.10 0.36 0.47
C GLN A 374 18.55 0.74 0.25
N ILE A 375 18.81 1.78 -0.56
CA ILE A 375 20.18 2.26 -0.72
C ILE A 375 20.74 2.72 0.61
N GLU A 376 19.94 3.47 1.39
CA GLU A 376 20.44 4.00 2.65
C GLU A 376 20.71 2.90 3.68
N LEU A 377 19.83 1.90 3.74
CA LEU A 377 20.06 0.76 4.62
C LEU A 377 21.26 -0.07 4.16
N PHE A 378 21.34 -0.35 2.85
CA PHE A 378 22.43 -1.17 2.37
C PHE A 378 23.79 -0.54 2.67
N GLN A 379 23.90 0.77 2.54
CA GLN A 379 25.20 1.41 2.70
C GLN A 379 25.49 1.82 4.14
N ASN A 380 24.48 2.24 4.91
CA ASN A 380 24.73 2.92 6.18
C ASN A 380 23.99 2.29 7.36
N SER A 381 23.50 1.05 7.23
CA SER A 381 22.74 0.45 8.31
C SER A 381 23.54 0.35 9.60
N SER A 382 24.88 0.33 9.51
CA SER A 382 25.70 0.24 10.71
C SER A 382 25.60 1.49 11.58
N GLN A 383 25.19 2.62 11.03
CA GLN A 383 25.02 3.84 11.81
C GLN A 383 23.61 3.98 12.38
N TYR A 384 22.77 2.95 12.25
CA TYR A 384 21.41 2.96 12.76
C TYR A 384 21.27 2.00 13.92
N GLN A 385 20.39 2.35 14.86
CA GLN A 385 20.03 1.44 15.93
C GLN A 385 18.79 0.64 15.54
N ASN A 386 18.36 -0.27 16.42
CA ASN A 386 17.17 -1.08 16.18
C ASN A 386 15.92 -0.27 16.55
N GLN A 387 15.69 0.78 15.75
CA GLN A 387 14.56 1.69 15.93
C GLN A 387 14.00 2.03 14.55
N VAL A 388 12.91 2.80 14.50
CA VAL A 388 12.30 3.15 13.22
C VAL A 388 12.62 4.60 12.90
N TYR A 389 13.13 4.82 11.70
CA TYR A 389 13.60 6.11 11.22
C TYR A 389 12.80 6.49 9.98
N VAL A 390 12.90 7.76 9.61
CA VAL A 390 12.41 8.21 8.30
C VAL A 390 13.61 8.77 7.54
N LEU A 391 13.48 8.79 6.22
CA LEU A 391 14.48 9.45 5.39
C LEU A 391 14.42 10.97 5.63
N PRO A 392 15.55 11.66 5.50
CA PRO A 392 15.56 13.12 5.68
C PRO A 392 14.75 13.85 4.63
N LYS A 393 14.40 15.09 4.96
CA LYS A 393 13.52 15.88 4.08
C LYS A 393 14.16 16.13 2.73
N VAL A 394 15.49 16.25 2.66
CA VAL A 394 16.13 16.52 1.37
C VAL A 394 15.84 15.41 0.38
N LEU A 395 15.75 14.16 0.85
CA LEU A 395 15.37 13.06 -0.04
C LEU A 395 13.88 13.08 -0.35
N ASP A 396 13.05 13.43 0.64
CA ASP A 396 11.62 13.62 0.40
C ASP A 396 11.40 14.63 -0.72
N GLU A 397 12.08 15.77 -0.64
CA GLU A 397 11.93 16.80 -1.67
C GLU A 397 12.47 16.34 -3.02
N LYS A 398 13.55 15.56 -3.02
CA LYS A 398 14.07 15.01 -4.27
C LYS A 398 13.02 14.12 -4.95
N VAL A 399 12.35 13.27 -4.17
CA VAL A 399 11.28 12.45 -4.75
C VAL A 399 10.25 13.34 -5.45
N ALA A 400 9.82 14.41 -4.77
CA ALA A 400 8.84 15.31 -5.38
C ALA A 400 9.40 15.91 -6.66
N ARG A 401 10.62 16.44 -6.61
CA ARG A 401 11.22 17.07 -7.79
C ARG A 401 11.21 16.13 -9.00
N LEU A 402 11.50 14.85 -8.77
CA LEU A 402 11.61 13.90 -9.88
C LEU A 402 10.27 13.63 -10.56
N HIS A 403 9.16 14.01 -9.94
CA HIS A 403 7.85 13.78 -10.52
C HIS A 403 7.20 15.03 -11.10
N LEU A 404 7.81 16.22 -10.94
CA LEU A 404 7.16 17.44 -11.40
C LEU A 404 7.16 17.53 -12.93
N GLY A 405 8.22 17.04 -13.56
CA GLY A 405 8.32 17.20 -15.01
C GLY A 405 7.23 16.48 -15.75
N ARG A 406 6.90 15.26 -15.32
CA ARG A 406 5.88 14.45 -16.00
C ARG A 406 4.54 15.17 -16.07
N ILE A 407 4.12 15.80 -14.98
CA ILE A 407 2.83 16.44 -14.96
C ILE A 407 2.93 17.95 -15.18
N GLY A 408 4.06 18.41 -15.72
CA GLY A 408 4.17 19.77 -16.24
C GLY A 408 4.25 20.87 -15.21
N ALA A 409 4.67 20.58 -13.99
CA ALA A 409 4.73 21.59 -12.92
C ALA A 409 6.08 22.28 -12.95
N LYS A 410 6.08 23.63 -12.93
CA LYS A 410 7.32 24.40 -13.02
C LYS A 410 7.60 25.09 -11.69
N LEU A 411 8.73 24.77 -11.07
CA LEU A 411 9.11 25.40 -9.81
C LEU A 411 9.57 26.85 -10.00
N THR A 412 9.21 27.70 -9.04
CA THR A 412 9.81 29.02 -8.91
C THR A 412 11.15 28.87 -8.17
N GLN A 413 12.21 29.47 -8.72
CA GLN A 413 13.52 29.47 -8.08
C GLN A 413 13.62 30.68 -7.15
N LEU A 414 13.92 30.44 -5.88
CA LEU A 414 14.12 31.52 -4.94
C LEU A 414 15.38 32.30 -5.29
N SER A 415 15.29 33.63 -5.22
CA SER A 415 16.48 34.46 -5.26
C SER A 415 17.23 34.34 -3.94
N ASN A 416 18.44 34.91 -3.92
CA ASN A 416 19.24 34.88 -2.69
C ASN A 416 18.49 35.55 -1.55
N GLU A 417 17.94 36.74 -1.78
CA GLU A 417 17.26 37.46 -0.70
C GLU A 417 15.99 36.75 -0.24
N GLN A 418 15.30 36.05 -1.17
CA GLN A 418 14.09 35.32 -0.79
C GLN A 418 14.42 34.09 0.04
N ALA A 419 15.48 33.36 -0.34
CA ALA A 419 15.95 32.25 0.49
C ALA A 419 16.33 32.74 1.87
N ASP A 420 17.12 33.80 1.95
CA ASP A 420 17.49 34.38 3.23
C ASP A 420 16.27 34.84 4.02
N TYR A 421 15.29 35.43 3.34
CA TYR A 421 14.14 36.02 4.01
C TYR A 421 13.34 34.99 4.80
N ILE A 422 13.24 33.76 4.30
CA ILE A 422 12.51 32.71 5.01
C ILE A 422 13.45 31.71 5.65
N GLY A 423 14.76 31.96 5.63
CA GLY A 423 15.70 31.15 6.37
C GLY A 423 16.01 29.80 5.77
N VAL A 424 16.00 29.67 4.44
CA VAL A 424 16.25 28.40 3.81
C VAL A 424 17.42 28.54 2.84
N ASP A 425 18.03 27.41 2.52
CA ASP A 425 18.90 27.31 1.36
C ASP A 425 18.05 27.35 0.10
N LYS A 426 18.57 28.00 -0.94
CA LYS A 426 17.88 28.05 -2.24
C LYS A 426 17.49 26.67 -2.76
N ASN A 427 18.31 25.66 -2.50
CA ASN A 427 18.06 24.32 -2.98
C ASN A 427 17.33 23.46 -1.97
N GLY A 428 16.82 24.05 -0.89
CA GLY A 428 16.11 23.30 0.11
C GLY A 428 17.03 22.69 1.14
N PRO A 429 16.45 22.02 2.16
CA PRO A 429 15.01 21.85 2.37
C PRO A 429 14.26 23.16 2.66
N TYR A 430 13.01 23.23 2.21
CA TYR A 430 12.25 24.47 2.32
C TYR A 430 11.42 24.55 3.59
N LYS A 431 11.30 23.46 4.34
CA LYS A 431 10.40 23.45 5.49
C LYS A 431 11.11 22.84 6.69
N PRO A 432 10.73 23.26 7.90
CA PRO A 432 11.26 22.60 9.09
C PRO A 432 10.69 21.20 9.22
N ASP A 433 11.39 20.36 9.99
CA ASP A 433 10.97 18.97 10.11
C ASP A 433 9.57 18.84 10.70
N HIS A 434 9.11 19.81 11.49
CA HIS A 434 7.76 19.71 12.06
C HIS A 434 6.67 20.13 11.08
N TYR A 435 6.99 20.48 9.85
CA TYR A 435 5.98 20.96 8.92
C TYR A 435 5.07 19.82 8.48
N ARG A 436 3.76 20.09 8.43
CA ARG A 436 2.80 19.03 8.19
C ARG A 436 2.26 18.99 6.76
N TYR A 437 2.53 20.00 5.94
CA TYR A 437 2.02 20.09 4.56
C TYR A 437 0.50 19.96 4.53
#